data_6FAQ
#
_entry.id   6FAQ
#
_cell.length_a   41.149
_cell.length_b   76.406
_cell.length_c   42.098
_cell.angle_alpha   90.000
_cell.angle_beta   109.472
_cell.angle_gamma   90.000
#
_symmetry.space_group_name_H-M   'P 1 21 1'
#
loop_
_entity.id
_entity.type
_entity.pdbx_description
1 polymer 'DNA binding protein'
2 non-polymer 'BROMIDE ION'
3 non-polymer 'SULFATE ION'
4 water water
#
_entity_poly.entity_id   1
_entity_poly.type   'polypeptide(L)'
_entity_poly.pdbx_seq_one_letter_code
;MSEAQPDARSDARDLTAFQKNILTVLGEEARYGLAIKRELEEYYGEEVNHGRLYPNLDDLVNKGLVEKSELDKRTNEYAL
TNEGFDAVVDDLEWTLSKFVADADRRERVETIVADDAAALEHHHHHH
;
_entity_poly.pdbx_strand_id   A,B
#
loop_
_chem_comp.id
_chem_comp.type
_chem_comp.name
_chem_comp.formula
BR non-polymer 'BROMIDE ION' 'Br -1'
SO4 non-polymer 'SULFATE ION' 'O4 S -2'
#
# COMPACT_ATOMS: atom_id res chain seq x y z
N ASP A 11 0.59 -1.09 -16.21
CA ASP A 11 0.39 -2.00 -15.09
C ASP A 11 -0.15 -1.23 -13.89
N ALA A 12 -0.94 -1.91 -13.05
CA ALA A 12 -1.53 -1.27 -11.88
C ALA A 12 -0.49 -1.00 -10.80
N ARG A 13 0.67 -1.67 -10.85
CA ARG A 13 1.70 -1.45 -9.84
C ARG A 13 2.40 -0.11 -10.02
N ASP A 14 2.14 0.61 -11.11
CA ASP A 14 2.74 1.92 -11.34
C ASP A 14 1.84 3.08 -10.92
N LEU A 15 0.66 2.79 -10.38
CA LEU A 15 -0.24 3.84 -9.94
C LEU A 15 0.39 4.69 -8.84
N THR A 16 -0.09 5.92 -8.72
CA THR A 16 0.35 6.79 -7.63
C THR A 16 -0.27 6.32 -6.32
N ALA A 17 0.33 6.78 -5.21
CA ALA A 17 -0.20 6.44 -3.89
C ALA A 17 -1.64 6.93 -3.75
N PHE A 18 -1.92 8.13 -4.27
CA PHE A 18 -3.28 8.68 -4.20
C PHE A 18 -4.25 7.81 -4.98
N GLN A 19 -3.85 7.34 -6.17
CA GLN A 19 -4.72 6.49 -6.97
C GLN A 19 -4.93 5.14 -6.30
N LYS A 20 -3.86 4.54 -5.76
CA LYS A 20 -4.01 3.27 -5.05
C LYS A 20 -4.91 3.41 -3.84
N ASN A 21 -4.90 4.57 -3.19
CA ASN A 21 -5.77 4.77 -2.03
C ASN A 21 -7.23 4.86 -2.44
N ILE A 22 -7.51 5.46 -3.60
CA ILE A 22 -8.86 5.45 -4.13
C ILE A 22 -9.35 4.01 -4.32
N LEU A 23 -8.51 3.18 -4.94
CA LEU A 23 -8.89 1.78 -5.15
C LEU A 23 -9.13 1.09 -3.81
N THR A 24 -8.29 1.37 -2.81
CA THR A 24 -8.50 0.80 -1.49
C THR A 24 -9.84 1.21 -0.92
N VAL A 25 -10.20 2.49 -1.03
CA VAL A 25 -11.48 2.96 -0.52
C VAL A 25 -12.63 2.22 -1.19
N LEU A 26 -12.55 2.05 -2.52
CA LEU A 26 -13.62 1.37 -3.23
C LEU A 26 -13.60 -0.13 -3.00
N GLY A 27 -12.48 -0.68 -2.51
CA GLY A 27 -12.46 -2.09 -2.16
C GLY A 27 -13.41 -2.41 -1.02
N GLU A 28 -13.63 -1.45 -0.12
CA GLU A 28 -14.57 -1.66 0.97
C GLU A 28 -16.00 -1.72 0.45
N GLU A 29 -16.35 -0.82 -0.47
CA GLU A 29 -17.69 -0.78 -1.06
C GLU A 29 -17.71 0.36 -2.07
N ALA A 30 -18.64 0.27 -3.01
CA ALA A 30 -18.86 1.38 -3.94
C ALA A 30 -19.26 2.62 -3.17
N ARG A 31 -18.86 3.79 -3.70
CA ARG A 31 -19.08 5.04 -2.99
C ARG A 31 -19.26 6.18 -3.98
N TYR A 32 -20.10 7.14 -3.60
CA TYR A 32 -20.23 8.38 -4.36
C TYR A 32 -18.91 9.13 -4.33
N GLY A 33 -18.70 9.98 -5.34
CA GLY A 33 -17.49 10.78 -5.40
C GLY A 33 -17.25 11.54 -4.12
N LEU A 34 -18.29 12.20 -3.61
CA LEU A 34 -18.15 12.97 -2.36
C LEU A 34 -17.76 12.05 -1.22
N ALA A 35 -18.27 10.82 -1.20
CA ALA A 35 -17.93 9.88 -0.14
C ALA A 35 -16.46 9.49 -0.19
N ILE A 36 -15.95 9.24 -1.40
CA ILE A 36 -14.52 8.92 -1.54
C ILE A 36 -13.68 10.04 -0.96
N LYS A 37 -14.06 11.29 -1.23
CA LYS A 37 -13.31 12.41 -0.70
C LYS A 37 -13.23 12.36 0.82
N ARG A 38 -14.36 12.09 1.48
CA ARG A 38 -14.38 12.00 2.94
C ARG A 38 -13.42 10.93 3.44
N GLU A 39 -13.45 9.75 2.83
CA GLU A 39 -12.57 8.67 3.27
C GLU A 39 -11.11 9.06 3.13
N LEU A 40 -10.74 9.64 1.98
CA LEU A 40 -9.36 10.06 1.77
C LEU A 40 -8.96 11.16 2.75
N GLU A 41 -9.87 12.12 3.00
CA GLU A 41 -9.55 13.18 3.95
C GLU A 41 -9.34 12.64 5.34
N GLU A 42 -10.12 11.64 5.75
CA GLU A 42 -9.90 11.01 7.04
C GLU A 42 -8.56 10.29 7.07
N TYR A 43 -8.20 9.62 5.97
CA TYR A 43 -6.92 8.92 5.91
C TYR A 43 -5.76 9.90 6.01
N TYR A 44 -5.74 10.90 5.13
CA TYR A 44 -4.63 11.85 5.11
C TYR A 44 -4.65 12.79 6.30
N GLY A 45 -5.81 13.03 6.90
CA GLY A 45 -5.89 14.04 7.93
C GLY A 45 -5.74 15.46 7.43
N GLU A 46 -6.00 15.68 6.14
CA GLU A 46 -5.97 17.01 5.55
C GLU A 46 -6.96 17.05 4.39
N GLU A 47 -7.32 18.26 3.98
CA GLU A 47 -8.32 18.42 2.93
C GLU A 47 -7.81 17.85 1.61
N VAL A 48 -8.74 17.26 0.85
CA VAL A 48 -8.47 16.77 -0.50
C VAL A 48 -9.24 17.64 -1.47
N ASN A 49 -8.52 18.32 -2.36
CA ASN A 49 -9.14 19.29 -3.24
C ASN A 49 -9.89 18.61 -4.38
N HIS A 50 -11.04 19.20 -4.75
CA HIS A 50 -11.82 18.66 -5.86
C HIS A 50 -10.98 18.53 -7.12
N GLY A 51 -10.08 19.49 -7.37
CA GLY A 51 -9.25 19.49 -8.55
C GLY A 51 -8.22 18.37 -8.62
N ARG A 52 -8.10 17.56 -7.58
CA ARG A 52 -7.20 16.41 -7.57
C ARG A 52 -7.91 15.08 -7.61
N LEU A 53 -9.04 14.96 -6.90
CA LEU A 53 -9.74 13.68 -6.81
C LEU A 53 -10.33 13.27 -8.15
N TYR A 54 -11.14 14.12 -8.74
CA TYR A 54 -11.96 13.71 -9.89
C TYR A 54 -11.13 13.52 -11.14
N PRO A 55 -10.10 14.34 -11.40
CA PRO A 55 -9.19 14.01 -12.50
C PRO A 55 -8.52 12.66 -12.34
N ASN A 56 -8.25 12.25 -11.10
CA ASN A 56 -7.67 10.93 -10.87
C ASN A 56 -8.71 9.83 -10.99
N LEU A 57 -9.95 10.09 -10.54
CA LEU A 57 -11.02 9.13 -10.74
C LEU A 57 -11.23 8.87 -12.23
N ASP A 58 -11.24 9.92 -13.05
CA ASP A 58 -11.38 9.73 -14.48
C ASP A 58 -10.24 8.89 -15.04
N ASP A 59 -9.02 9.10 -14.53
CA ASP A 59 -7.88 8.30 -14.99
C ASP A 59 -8.08 6.83 -14.65
N LEU A 60 -8.52 6.54 -13.43
CA LEU A 60 -8.76 5.16 -13.03
C LEU A 60 -9.87 4.52 -13.87
N VAL A 61 -10.86 5.32 -14.30
CA VAL A 61 -11.93 4.80 -15.14
C VAL A 61 -11.39 4.48 -16.54
N ASN A 62 -10.54 5.35 -17.08
CA ASN A 62 -9.96 5.09 -18.39
C ASN A 62 -9.07 3.85 -18.37
N LYS A 63 -8.34 3.63 -17.28
CA LYS A 63 -7.49 2.46 -17.16
C LYS A 63 -8.29 1.17 -16.98
N GLY A 64 -9.61 1.25 -16.84
CA GLY A 64 -10.43 0.08 -16.64
C GLY A 64 -10.45 -0.46 -15.23
N LEU A 65 -9.97 0.32 -14.26
CA LEU A 65 -9.92 -0.13 -12.88
C LEU A 65 -11.15 0.26 -12.08
N VAL A 66 -11.83 1.34 -12.48
CA VAL A 66 -13.01 1.83 -11.78
C VAL A 66 -14.14 2.00 -12.78
N GLU A 67 -15.37 1.76 -12.32
CA GLU A 67 -16.57 1.95 -13.12
C GLU A 67 -17.36 3.11 -12.56
N LYS A 68 -17.79 4.02 -13.43
CA LYS A 68 -18.55 5.20 -13.04
C LYS A 68 -20.01 4.99 -13.41
N SER A 69 -20.89 5.11 -12.41
CA SER A 69 -22.33 4.98 -12.59
C SER A 69 -22.98 6.33 -12.30
N GLU A 70 -23.44 7.00 -13.35
CA GLU A 70 -24.11 8.29 -13.21
C GLU A 70 -25.54 8.05 -12.74
N LEU A 71 -25.81 8.35 -11.47
CA LEU A 71 -27.13 8.13 -10.90
C LEU A 71 -28.04 9.30 -11.23
N ASP A 72 -29.28 9.21 -10.75
CA ASP A 72 -30.25 10.28 -10.99
C ASP A 72 -29.71 11.60 -10.42
N LYS A 73 -29.79 12.65 -11.23
CA LYS A 73 -29.21 13.95 -10.87
C LYS A 73 -27.70 13.85 -10.76
N ARG A 74 -27.02 14.99 -10.69
CA ARG A 74 -25.56 15.00 -10.71
C ARG A 74 -24.97 14.35 -9.47
N THR A 75 -25.06 13.02 -9.40
CA THR A 75 -24.46 12.24 -8.33
C THR A 75 -23.92 10.96 -8.94
N ASN A 76 -22.60 10.79 -8.92
CA ASN A 76 -21.94 9.64 -9.53
C ASN A 76 -21.48 8.67 -8.46
N GLU A 77 -21.69 7.38 -8.73
CA GLU A 77 -21.22 6.31 -7.86
C GLU A 77 -20.08 5.57 -8.55
N TYR A 78 -18.97 5.41 -7.85
CA TYR A 78 -17.79 4.74 -8.38
C TYR A 78 -17.63 3.39 -7.71
N ALA A 79 -17.18 2.40 -8.49
CA ALA A 79 -17.00 1.05 -7.97
C ALA A 79 -15.80 0.41 -8.67
N LEU A 80 -15.18 -0.55 -7.98
CA LEU A 80 -14.07 -1.28 -8.57
C LEU A 80 -14.57 -2.22 -9.66
N THR A 81 -13.84 -2.27 -10.76
CA THR A 81 -14.03 -3.32 -11.75
C THR A 81 -13.29 -4.57 -11.29
N ASN A 82 -13.50 -5.67 -12.03
CA ASN A 82 -12.75 -6.88 -11.74
C ASN A 82 -11.24 -6.61 -11.81
N GLU A 83 -10.81 -5.82 -12.80
CA GLU A 83 -9.40 -5.46 -12.89
C GLU A 83 -8.98 -4.62 -11.68
N GLY A 84 -9.82 -3.66 -11.28
CA GLY A 84 -9.50 -2.88 -10.10
C GLY A 84 -9.34 -3.75 -8.86
N PHE A 85 -10.24 -4.71 -8.68
CA PHE A 85 -10.16 -5.59 -7.51
C PHE A 85 -8.88 -6.41 -7.55
N ASP A 86 -8.51 -6.92 -8.73
CA ASP A 86 -7.25 -7.66 -8.85
C ASP A 86 -6.07 -6.79 -8.45
N ALA A 87 -6.10 -5.51 -8.81
CA ALA A 87 -5.01 -4.60 -8.46
C ALA A 87 -4.92 -4.43 -6.94
N VAL A 88 -6.07 -4.36 -6.27
CA VAL A 88 -6.06 -4.24 -4.81
C VAL A 88 -5.52 -5.51 -4.17
N VAL A 89 -5.96 -6.67 -4.65
CA VAL A 89 -5.49 -7.93 -4.09
C VAL A 89 -4.01 -8.12 -4.38
N ASP A 90 -3.56 -7.71 -5.56
CA ASP A 90 -2.16 -7.90 -5.94
C ASP A 90 -1.24 -7.14 -5.00
N ASP A 91 -1.53 -5.86 -4.74
CA ASP A 91 -0.69 -5.08 -3.85
C ASP A 91 -0.79 -5.58 -2.41
N LEU A 92 -1.97 -6.06 -1.99
CA LEU A 92 -2.10 -6.61 -0.65
C LEU A 92 -1.25 -7.87 -0.50
N GLU A 93 -1.30 -8.77 -1.50
CA GLU A 93 -0.49 -9.98 -1.44
C GLU A 93 1.00 -9.65 -1.34
N TRP A 94 1.46 -8.67 -2.12
CA TRP A 94 2.87 -8.29 -2.07
C TRP A 94 3.21 -7.67 -0.71
N THR A 95 2.38 -6.75 -0.24
CA THR A 95 2.61 -6.15 1.06
C THR A 95 2.67 -7.21 2.16
N LEU A 96 1.77 -8.18 2.11
CA LEU A 96 1.77 -9.24 3.13
C LEU A 96 2.94 -10.19 2.95
N SER A 97 3.42 -10.38 1.71
CA SER A 97 4.57 -11.25 1.50
C SER A 97 5.82 -10.66 2.14
N LYS A 98 5.92 -9.34 2.23
CA LYS A 98 7.06 -8.70 2.85
C LYS A 98 6.89 -8.52 4.36
N PHE A 99 5.65 -8.38 4.83
CA PHE A 99 5.44 -8.11 6.25
C PHE A 99 5.43 -9.40 7.07
N VAL A 100 4.84 -10.47 6.54
CA VAL A 100 4.77 -11.73 7.26
C VAL A 100 6.13 -12.41 7.15
N ALA A 101 7.10 -11.92 7.92
CA ALA A 101 8.47 -12.42 7.84
C ALA A 101 8.83 -13.39 8.97
N ASP A 102 8.00 -13.52 9.98
CA ASP A 102 8.25 -14.47 11.07
C ASP A 102 6.93 -14.78 11.76
N ALA A 103 7.01 -15.53 12.87
CA ALA A 103 5.80 -15.96 13.56
C ALA A 103 5.09 -14.78 14.22
N ASP A 104 5.85 -13.86 14.82
CA ASP A 104 5.24 -12.71 15.48
C ASP A 104 4.54 -11.81 14.46
N ARG A 105 5.13 -11.63 13.28
CA ARG A 105 4.48 -10.85 12.23
C ARG A 105 3.17 -11.49 11.81
N ARG A 106 3.18 -12.81 11.62
CA ARG A 106 1.94 -13.51 11.27
CA ARG A 106 1.95 -13.52 11.27
C ARG A 106 0.87 -13.31 12.33
N GLU A 107 1.21 -13.54 13.59
CA GLU A 107 0.25 -13.36 14.67
C GLU A 107 -0.32 -11.94 14.68
N ARG A 108 0.51 -10.95 14.36
CA ARG A 108 0.04 -9.57 14.35
C ARG A 108 -1.03 -9.34 13.28
N VAL A 109 -0.78 -9.85 12.07
CA VAL A 109 -1.73 -9.65 10.99
C VAL A 109 -3.02 -10.41 11.26
N GLU A 110 -2.91 -11.63 11.80
CA GLU A 110 -4.10 -12.43 12.07
C GLU A 110 -4.99 -11.76 13.12
N THR A 111 -4.38 -11.13 14.13
CA THR A 111 -5.16 -10.40 15.11
C THR A 111 -5.87 -9.20 14.47
N ILE A 112 -5.16 -8.46 13.60
CA ILE A 112 -5.77 -7.33 12.92
C ILE A 112 -6.96 -7.77 12.10
N VAL A 113 -6.78 -8.83 11.29
CA VAL A 113 -7.86 -9.32 10.44
C VAL A 113 -9.04 -9.78 11.30
N ALA A 114 -8.76 -10.56 12.34
CA ALA A 114 -9.83 -11.06 13.18
C ALA A 114 -10.58 -9.93 13.87
N ASP A 115 -9.85 -8.93 14.39
CA ASP A 115 -10.51 -7.81 15.06
C ASP A 115 -11.36 -7.01 14.08
N ASP A 116 -10.87 -6.82 12.85
CA ASP A 116 -11.65 -6.09 11.86
C ASP A 116 -12.92 -6.83 11.51
N ALA A 117 -12.83 -8.15 11.28
CA ALA A 117 -14.00 -8.92 10.90
C ALA A 117 -15.03 -8.95 12.01
N ALA A 118 -14.60 -9.13 13.25
CA ALA A 118 -15.54 -9.12 14.37
C ALA A 118 -16.25 -7.79 14.50
N ALA A 119 -15.57 -6.70 14.13
CA ALA A 119 -16.15 -5.36 14.19
C ALA A 119 -17.16 -5.10 13.08
N LEU A 120 -17.35 -6.03 12.16
CA LEU A 120 -18.32 -5.86 11.08
C LEU A 120 -19.73 -6.12 11.60
N ASP B 11 3.81 11.01 10.73
CA ASP B 11 2.84 11.13 9.64
C ASP B 11 3.53 10.92 8.30
N ALA B 12 3.52 9.67 7.84
CA ALA B 12 4.14 9.30 6.56
C ALA B 12 3.09 8.90 5.52
N ARG B 13 1.83 9.27 5.72
CA ARG B 13 0.78 8.89 4.78
C ARG B 13 0.85 9.67 3.47
N ASP B 14 1.71 10.68 3.38
CA ASP B 14 1.85 11.47 2.16
C ASP B 14 3.03 11.03 1.30
N LEU B 15 3.73 9.97 1.68
CA LEU B 15 4.86 9.49 0.89
C LEU B 15 4.40 9.04 -0.49
N THR B 16 5.32 9.10 -1.45
CA THR B 16 5.05 8.56 -2.77
C THR B 16 4.95 7.03 -2.72
N ALA B 17 4.29 6.47 -3.72
CA ALA B 17 4.17 5.01 -3.80
C ALA B 17 5.55 4.36 -3.86
N PHE B 18 6.48 4.99 -4.57
CA PHE B 18 7.83 4.44 -4.65
C PHE B 18 8.49 4.42 -3.28
N GLN B 19 8.37 5.52 -2.52
CA GLN B 19 8.96 5.57 -1.19
C GLN B 19 8.29 4.57 -0.26
N LYS B 20 6.97 4.42 -0.36
CA LYS B 20 6.27 3.43 0.47
C LYS B 20 6.73 2.02 0.12
N ASN B 21 7.00 1.75 -1.16
CA ASN B 21 7.47 0.43 -1.55
C ASN B 21 8.86 0.15 -0.99
N ILE B 22 9.70 1.17 -0.87
CA ILE B 22 10.99 1.00 -0.21
C ILE B 22 10.79 0.57 1.24
N LEU B 23 9.87 1.24 1.94
CA LEU B 23 9.60 0.87 3.33
C LEU B 23 9.09 -0.56 3.41
N THR B 24 8.19 -0.96 2.51
CA THR B 24 7.68 -2.32 2.52
C THR B 24 8.81 -3.33 2.35
N VAL B 25 9.76 -3.04 1.45
CA VAL B 25 10.89 -3.93 1.25
C VAL B 25 11.68 -4.09 2.55
N LEU B 26 11.93 -2.97 3.24
CA LEU B 26 12.69 -3.01 4.47
C LEU B 26 11.88 -3.55 5.65
N GLY B 27 10.56 -3.65 5.52
CA GLY B 27 9.77 -4.29 6.54
C GLY B 27 10.05 -5.78 6.64
N GLU B 28 10.49 -6.39 5.54
CA GLU B 28 10.87 -7.81 5.57
C GLU B 28 12.17 -8.00 6.34
N GLU B 29 13.17 -7.16 6.08
CA GLU B 29 14.45 -7.22 6.77
C GLU B 29 15.31 -6.08 6.23
N ALA B 30 16.33 -5.71 7.01
CA ALA B 30 17.31 -4.75 6.54
C ALA B 30 18.01 -5.29 5.29
N ARG B 31 18.33 -4.41 4.35
CA ARG B 31 18.90 -4.84 3.08
C ARG B 31 19.91 -3.83 2.58
N TYR B 32 20.90 -4.34 1.83
CA TYR B 32 21.83 -3.47 1.14
C TYR B 32 21.11 -2.70 0.03
N GLY B 33 21.70 -1.57 -0.35
CA GLY B 33 21.09 -0.76 -1.39
C GLY B 33 20.81 -1.56 -2.65
N LEU B 34 21.79 -2.33 -3.10
CA LEU B 34 21.61 -3.12 -4.32
C LEU B 34 20.50 -4.16 -4.14
N ALA B 35 20.31 -4.67 -2.92
CA ALA B 35 19.26 -5.66 -2.69
C ALA B 35 17.88 -5.01 -2.73
N ILE B 36 17.76 -3.77 -2.27
CA ILE B 36 16.49 -3.06 -2.37
C ILE B 36 16.10 -2.90 -3.84
N LYS B 37 17.07 -2.50 -4.67
CA LYS B 37 16.83 -2.34 -6.09
C LYS B 37 16.26 -3.62 -6.70
N ARG B 38 16.87 -4.76 -6.36
CA ARG B 38 16.38 -6.04 -6.88
C ARG B 38 14.94 -6.30 -6.47
N GLU B 39 14.63 -6.11 -5.18
CA GLU B 39 13.28 -6.38 -4.70
C GLU B 39 12.26 -5.51 -5.42
N LEU B 40 12.59 -4.23 -5.62
CA LEU B 40 11.68 -3.33 -6.32
C LEU B 40 11.50 -3.74 -7.77
N GLU B 41 12.59 -4.13 -8.44
CA GLU B 41 12.49 -4.52 -9.84
C GLU B 41 11.64 -5.78 -9.99
N GLU B 42 11.72 -6.71 -9.04
CA GLU B 42 10.85 -7.87 -9.09
C GLU B 42 9.40 -7.49 -8.91
N TYR B 43 9.13 -6.44 -8.13
CA TYR B 43 7.75 -5.99 -7.95
C TYR B 43 7.24 -5.26 -9.18
N TYR B 44 8.00 -4.25 -9.65
CA TYR B 44 7.55 -3.46 -10.79
C TYR B 44 7.62 -4.23 -12.10
N GLY B 45 8.42 -5.30 -12.18
CA GLY B 45 8.62 -5.96 -13.44
C GLY B 45 9.37 -5.13 -14.46
N GLU B 46 10.05 -4.07 -14.01
CA GLU B 46 10.82 -3.20 -14.88
C GLU B 46 12.07 -2.73 -14.13
N GLU B 47 13.06 -2.29 -14.89
CA GLU B 47 14.30 -1.83 -14.27
C GLU B 47 14.03 -0.60 -13.40
N VAL B 48 14.70 -0.55 -12.26
CA VAL B 48 14.66 0.59 -11.34
C VAL B 48 16.00 1.30 -11.45
N ASN B 49 15.97 2.56 -11.84
CA ASN B 49 17.20 3.31 -12.08
C ASN B 49 17.91 3.62 -10.75
N HIS B 50 19.25 3.59 -10.80
CA HIS B 50 20.03 3.97 -9.63
C HIS B 50 19.74 5.39 -9.21
N GLY B 51 19.52 6.29 -10.18
CA GLY B 51 19.22 7.67 -9.88
C GLY B 51 17.86 7.92 -9.28
N ARG B 52 16.99 6.91 -9.27
CA ARG B 52 15.68 7.05 -8.66
CA ARG B 52 15.66 7.00 -8.68
C ARG B 52 15.61 6.44 -7.27
N LEU B 53 16.36 5.36 -7.01
CA LEU B 53 16.30 4.70 -5.71
C LEU B 53 17.02 5.49 -4.63
N TYR B 54 18.25 5.90 -4.90
CA TYR B 54 19.11 6.36 -3.81
C TYR B 54 18.74 7.76 -3.33
N PRO B 55 18.37 8.69 -4.23
CA PRO B 55 17.83 9.97 -3.74
C PRO B 55 16.60 9.80 -2.88
N ASN B 56 15.78 8.78 -3.16
CA ASN B 56 14.62 8.51 -2.32
C ASN B 56 15.01 7.85 -1.00
N LEU B 57 16.03 7.00 -1.02
CA LEU B 57 16.56 6.48 0.24
C LEU B 57 17.08 7.60 1.12
N ASP B 58 17.82 8.55 0.54
CA ASP B 58 18.31 9.69 1.32
C ASP B 58 17.15 10.49 1.91
N ASP B 59 16.06 10.64 1.15
CA ASP B 59 14.88 11.33 1.68
C ASP B 59 14.29 10.59 2.88
N LEU B 60 14.12 9.27 2.74
CA LEU B 60 13.58 8.49 3.84
C LEU B 60 14.48 8.55 5.06
N VAL B 61 15.80 8.64 4.85
CA VAL B 61 16.72 8.77 5.99
C VAL B 61 16.57 10.14 6.63
N ASN B 62 16.47 11.19 5.81
CA ASN B 62 16.28 12.53 6.35
C ASN B 62 14.96 12.64 7.11
N LYS B 63 13.93 11.92 6.66
CA LYS B 63 12.64 11.93 7.34
C LYS B 63 12.62 11.10 8.61
N GLY B 64 13.72 10.42 8.94
CA GLY B 64 13.77 9.58 10.12
C GLY B 64 13.07 8.25 10.00
N LEU B 65 12.74 7.81 8.79
CA LEU B 65 12.04 6.55 8.58
C LEU B 65 12.99 5.40 8.28
N VAL B 66 14.21 5.69 7.83
CA VAL B 66 15.19 4.68 7.49
C VAL B 66 16.53 5.10 8.09
N GLU B 67 17.31 4.10 8.52
CA GLU B 67 18.63 4.32 9.07
C GLU B 67 19.66 3.67 8.15
N LYS B 68 20.73 4.40 7.88
CA LYS B 68 21.77 3.97 6.93
C LYS B 68 23.03 3.62 7.70
N SER B 69 23.57 2.43 7.43
CA SER B 69 24.82 1.98 8.03
C SER B 69 25.82 1.74 6.91
N GLU B 70 26.92 2.50 6.92
CA GLU B 70 27.95 2.39 5.89
C GLU B 70 28.89 1.27 6.28
N LEU B 71 28.70 0.09 5.69
CA LEU B 71 29.52 -1.07 6.02
C LEU B 71 30.87 -1.02 5.32
N ASP B 72 30.87 -0.72 4.03
CA ASP B 72 32.11 -0.64 3.26
C ASP B 72 31.97 0.45 2.20
N LYS B 73 33.07 0.73 1.52
CA LYS B 73 33.05 1.72 0.45
C LYS B 73 32.04 1.34 -0.61
N ARG B 74 31.12 2.25 -0.91
CA ARG B 74 30.07 2.02 -1.89
C ARG B 74 29.20 0.82 -1.53
N THR B 75 29.00 0.60 -0.22
CA THR B 75 28.13 -0.47 0.25
C THR B 75 27.49 -0.02 1.55
N ASN B 76 26.17 0.08 1.57
CA ASN B 76 25.44 0.54 2.73
C ASN B 76 24.23 -0.36 2.95
N GLU B 77 23.91 -0.61 4.22
CA GLU B 77 22.73 -1.37 4.60
C GLU B 77 21.69 -0.41 5.17
N TYR B 78 20.44 -0.58 4.75
CA TYR B 78 19.34 0.26 5.20
C TYR B 78 18.37 -0.56 6.03
N ALA B 79 17.82 0.06 7.07
CA ALA B 79 16.86 -0.59 7.95
C ALA B 79 15.80 0.41 8.37
N LEU B 80 14.62 -0.10 8.71
CA LEU B 80 13.56 0.74 9.20
C LEU B 80 13.87 1.22 10.62
N THR B 81 13.56 2.48 10.88
CA THR B 81 13.50 2.97 12.26
C THR B 81 12.19 2.55 12.88
N ASN B 82 12.00 2.86 14.16
CA ASN B 82 10.71 2.62 14.79
C ASN B 82 9.61 3.39 14.06
N GLU B 83 9.89 4.64 13.69
CA GLU B 83 8.92 5.44 12.95
C GLU B 83 8.66 4.85 11.57
N GLY B 84 9.70 4.30 10.94
CA GLY B 84 9.51 3.65 9.65
C GLY B 84 8.60 2.44 9.76
N PHE B 85 8.86 1.58 10.74
CA PHE B 85 8.00 0.42 10.96
C PHE B 85 6.58 0.84 11.30
N ASP B 86 6.43 1.91 12.09
CA ASP B 86 5.10 2.41 12.41
CA ASP B 86 5.10 2.41 12.41
C ASP B 86 4.36 2.85 11.15
N ALA B 87 5.09 3.42 10.18
CA ALA B 87 4.46 3.84 8.94
C ALA B 87 4.02 2.64 8.10
N VAL B 88 4.78 1.55 8.15
CA VAL B 88 4.39 0.34 7.41
C VAL B 88 3.16 -0.29 8.03
N VAL B 89 3.18 -0.46 9.36
CA VAL B 89 2.03 -1.07 10.04
C VAL B 89 0.80 -0.19 9.90
N ASP B 90 0.99 1.13 9.88
CA ASP B 90 -0.14 2.05 9.77
C ASP B 90 -0.88 1.84 8.46
N ASP B 91 -0.15 1.80 7.34
CA ASP B 91 -0.80 1.62 6.04
C ASP B 91 -1.39 0.23 5.91
N LEU B 92 -0.73 -0.79 6.46
CA LEU B 92 -1.28 -2.14 6.42
C LEU B 92 -2.58 -2.23 7.20
N GLU B 93 -2.63 -1.60 8.37
CA GLU B 93 -3.86 -1.59 9.15
C GLU B 93 -4.98 -0.92 8.39
N TRP B 94 -4.72 0.26 7.82
CA TRP B 94 -5.74 0.96 7.05
C TRP B 94 -6.18 0.13 5.86
N THR B 95 -5.22 -0.45 5.14
CA THR B 95 -5.55 -1.30 4.00
C THR B 95 -6.43 -2.47 4.43
N LEU B 96 -6.09 -3.11 5.55
CA LEU B 96 -6.87 -4.26 6.00
C LEU B 96 -8.24 -3.83 6.51
N SER B 97 -8.33 -2.67 7.16
CA SER B 97 -9.63 -2.20 7.64
C SER B 97 -10.61 -2.01 6.49
N LYS B 98 -10.11 -1.74 5.29
CA LYS B 98 -10.97 -1.55 4.12
C LYS B 98 -11.18 -2.83 3.33
N PHE B 99 -10.18 -3.72 3.32
CA PHE B 99 -10.31 -4.95 2.53
C PHE B 99 -11.20 -5.97 3.23
N VAL B 100 -11.02 -6.15 4.54
CA VAL B 100 -11.77 -7.15 5.29
C VAL B 100 -13.19 -6.62 5.49
N ALA B 101 -14.01 -6.73 4.44
CA ALA B 101 -15.36 -6.18 4.46
C ALA B 101 -16.44 -7.24 4.68
N ASP B 102 -16.08 -8.51 4.68
CA ASP B 102 -17.06 -9.58 4.89
C ASP B 102 -16.29 -10.87 5.16
N ALA B 103 -17.04 -11.95 5.40
CA ALA B 103 -16.42 -13.23 5.70
C ALA B 103 -15.49 -13.67 4.58
N ASP B 104 -15.92 -13.55 3.33
CA ASP B 104 -15.08 -13.95 2.21
C ASP B 104 -13.76 -13.21 2.21
N ARG B 105 -13.79 -11.90 2.52
CA ARG B 105 -12.55 -11.13 2.57
C ARG B 105 -11.64 -11.60 3.69
N ARG B 106 -12.22 -11.95 4.84
CA ARG B 106 -11.41 -12.45 5.94
C ARG B 106 -10.74 -13.76 5.57
N GLU B 107 -11.50 -14.69 5.00
CA GLU B 107 -10.93 -15.99 4.62
C GLU B 107 -9.80 -15.83 3.63
N ARG B 108 -9.96 -14.94 2.65
CA ARG B 108 -8.90 -14.73 1.66
C ARG B 108 -7.63 -14.25 2.33
N VAL B 109 -7.73 -13.22 3.17
CA VAL B 109 -6.54 -12.70 3.86
C VAL B 109 -5.94 -13.76 4.75
N GLU B 110 -6.78 -14.50 5.47
CA GLU B 110 -6.28 -15.61 6.28
C GLU B 110 -5.48 -16.59 5.43
N THR B 111 -5.96 -16.88 4.22
CA THR B 111 -5.26 -17.81 3.34
C THR B 111 -3.97 -17.22 2.83
N ILE B 112 -3.98 -15.95 2.43
CA ILE B 112 -2.75 -15.29 1.99
C ILE B 112 -1.69 -15.37 3.08
N VAL B 113 -2.07 -15.05 4.31
CA VAL B 113 -1.12 -15.06 5.42
C VAL B 113 -0.62 -16.47 5.68
N ALA B 114 -1.50 -17.47 5.57
CA ALA B 114 -1.10 -18.84 5.83
C ALA B 114 -0.10 -19.34 4.78
N ASP B 115 -0.34 -18.99 3.51
CA ASP B 115 0.58 -19.42 2.46
C ASP B 115 1.92 -18.69 2.58
N ASP B 116 1.92 -17.43 3.01
CA ASP B 116 3.18 -16.73 3.24
C ASP B 116 3.97 -17.37 4.37
N ALA B 117 3.29 -17.73 5.46
CA ALA B 117 3.98 -18.40 6.57
C ALA B 117 4.52 -19.76 6.14
N ALA B 118 3.74 -20.50 5.34
CA ALA B 118 4.19 -21.80 4.87
C ALA B 118 5.45 -21.67 4.00
N ALA B 119 5.61 -20.55 3.30
CA ALA B 119 6.76 -20.33 2.45
C ALA B 119 8.01 -19.95 3.24
N LEU B 120 7.91 -19.83 4.56
CA LEU B 120 9.06 -19.50 5.39
C LEU B 120 9.79 -20.77 5.84
BR BR C . -22.29 11.68 0.13
BR BR D . 5.56 -8.08 14.97
BR BR E . -21.13 12.58 -5.53
BR BR E . -19.72 12.94 -7.61
BR BR F . 1.07 3.06 -2.12
BR BR G . -21.38 6.35 -0.48
BR BR H . 0.51 10.32 -4.64
BR BR I . 5.15 -18.44 10.92
BR BR J . -3.39 0.26 -15.10
BR BR K . 3.49 -10.92 -4.47
BR BR L . -12.14 18.49 -11.77
BR BR M . 2.96 8.51 -5.74
BR BR N . -1.27 -3.00 -0.30
BR BR O . -5.13 17.89 -2.43
BR BR P . -12.83 -12.12 -1.50
BR BR Q . 23.66 -7.34 -2.92
BR BR R . 24.82 -1.96 -1.90
BR BR R . 24.35 0.52 -1.12
BR BR S . 20.45 -7.98 1.64
BR BR T . 7.48 11.50 7.04
BR BR U . -16.61 -12.23 9.25
BR BR V . 5.68 6.92 -7.32
BR BR W . -6.91 2.12 10.28
BR BR X . -0.29 -1.37 2.86
S SO4 Y . 16.88 -13.18 0.36
O1 SO4 Y . 18.23 -13.35 -0.16
O2 SO4 Y . 16.17 -14.45 0.28
O3 SO4 Y . 16.18 -12.18 -0.44
O4 SO4 Y . 16.94 -12.76 1.75
#